data_1UI5
#
_entry.id   1UI5
#
_cell.length_a   38.153
_cell.length_b   68.066
_cell.length_c   145.422
_cell.angle_alpha   90.00
_cell.angle_beta   90.00
_cell.angle_gamma   90.00
#
_symmetry.space_group_name_H-M   'P 21 21 21'
#
loop_
_entity.id
_entity.type
_entity.pdbx_description
1 polymer 'A-factor receptor homolog'
2 water water
#
_entity_poly.entity_id   1
_entity_poly.type   'polypeptide(L)'
_entity_poly.pdbx_seq_one_letter_code
;MARQLRAEQTRATIIGAAADLFDRRGYESTTLSEIVAHAGVTKGALYFHFAAKEDLAHAILEIQSRTSRRLAKDLDGRGY
SSLEAL(MSE)RLTFG(MSE)ARLCVQGPVLRAGLRLATAGVPVRPPLPHPFTEWREIATSRLLDAVRQSDVHQDIDVDS
VAHTLVCSVVGTRVVGGTLEPAGREPRRLAE(MSE)WYILIRG(MSE)VPVTRRARYVTLAARLEQETGTA
;
_entity_poly.pdbx_strand_id   A,B
#
# COMPACT_ATOMS: atom_id res chain seq x y z
N LEU A 5 0.88 13.28 -40.27
CA LEU A 5 -0.29 12.60 -39.62
C LEU A 5 -0.26 11.05 -39.66
N ARG A 6 0.96 10.49 -39.66
CA ARG A 6 1.23 9.10 -39.19
C ARG A 6 1.97 9.16 -37.84
N ALA A 7 2.44 10.36 -37.51
CA ALA A 7 3.06 10.63 -36.24
C ALA A 7 2.05 10.52 -35.10
N GLU A 8 0.76 10.61 -35.41
CA GLU A 8 -0.27 10.56 -34.40
C GLU A 8 -0.49 9.15 -33.85
N GLN A 9 -0.36 8.12 -34.71
CA GLN A 9 -0.56 6.72 -34.31
C GLN A 9 0.59 6.16 -33.43
N THR A 10 1.75 6.82 -33.45
CA THR A 10 2.89 6.36 -32.67
C THR A 10 2.78 6.63 -31.16
N ARG A 11 1.84 7.48 -30.76
CA ARG A 11 1.70 7.92 -29.36
C ARG A 11 1.47 6.77 -28.39
N ALA A 12 0.59 5.86 -28.78
CA ALA A 12 0.22 4.70 -27.98
C ALA A 12 1.38 3.68 -27.89
N THR A 13 2.15 3.61 -28.97
CA THR A 13 3.35 2.80 -28.99
C THR A 13 4.36 3.38 -28.00
N ILE A 14 4.55 4.70 -28.03
CA ILE A 14 5.52 5.37 -27.12
C ILE A 14 5.09 5.16 -25.67
N ILE A 15 3.83 5.43 -25.37
CA ILE A 15 3.28 5.21 -24.04
C ILE A 15 3.47 3.79 -23.56
N GLY A 16 3.15 2.82 -24.42
CA GLY A 16 3.33 1.40 -24.11
C GLY A 16 4.79 1.10 -23.76
N ALA A 17 5.70 1.68 -24.53
CA ALA A 17 7.13 1.47 -24.36
C ALA A 17 7.61 2.07 -23.05
N ALA A 18 7.11 3.27 -22.77
CA ALA A 18 7.45 3.98 -21.54
C ALA A 18 6.83 3.23 -20.39
N ALA A 19 5.57 2.82 -20.54
CA ALA A 19 4.90 2.07 -19.46
C ALA A 19 5.69 0.83 -19.12
N ASP A 20 6.11 0.09 -20.13
CA ASP A 20 6.86 -1.15 -19.93
C ASP A 20 8.19 -0.96 -19.19
N LEU A 21 8.90 0.11 -19.52
CA LEU A 21 10.18 0.41 -18.87
C LEU A 21 9.93 0.94 -17.46
N PHE A 22 9.02 1.90 -17.30
CA PHE A 22 8.70 2.41 -15.97
C PHE A 22 8.26 1.26 -15.02
N ASP A 23 7.51 0.31 -15.54
CA ASP A 23 6.98 -0.76 -14.75
C ASP A 23 8.09 -1.65 -14.28
N ARG A 24 8.94 -2.09 -15.20
CA ARG A 24 9.96 -3.08 -14.89
C ARG A 24 11.18 -2.47 -14.24
N ARG A 25 11.63 -1.33 -14.78
CA ARG A 25 12.91 -0.76 -14.38
C ARG A 25 12.80 0.55 -13.59
N GLY A 26 11.57 1.07 -13.45
CA GLY A 26 11.32 2.29 -12.67
C GLY A 26 11.43 3.61 -13.43
N TYR A 27 10.91 4.67 -12.84
CA TYR A 27 10.84 5.96 -13.51
C TYR A 27 12.17 6.66 -13.63
N GLU A 28 12.85 6.77 -12.50
CA GLU A 28 14.09 7.54 -12.42
C GLU A 28 15.15 7.10 -13.43
N SER A 29 15.35 5.80 -13.57
CA SER A 29 16.47 5.27 -14.34
C SER A 29 16.22 5.10 -15.86
N THR A 30 14.95 5.14 -16.26
CA THR A 30 14.55 5.04 -17.65
C THR A 30 14.76 6.39 -18.32
N THR A 31 15.46 6.39 -19.46
CA THR A 31 15.68 7.61 -20.20
C THR A 31 14.79 7.67 -21.43
N LEU A 32 14.69 8.87 -22.00
CA LEU A 32 13.97 9.12 -23.23
C LEU A 32 14.59 8.33 -24.40
N SER A 33 15.90 8.15 -24.36
CA SER A 33 16.61 7.43 -25.40
C SER A 33 16.29 5.94 -25.35
N GLU A 34 16.21 5.39 -24.15
CA GLU A 34 15.77 4.02 -23.98
C GLU A 34 14.36 3.86 -24.54
N ILE A 35 13.43 4.72 -24.11
CA ILE A 35 12.04 4.63 -24.56
C ILE A 35 11.87 4.69 -26.10
N VAL A 36 12.58 5.63 -26.71
CA VAL A 36 12.55 5.79 -28.14
C VAL A 36 13.15 4.58 -28.87
N ALA A 37 14.21 3.99 -28.31
CA ALA A 37 14.84 2.85 -28.96
C ALA A 37 13.92 1.62 -28.82
N HIS A 38 13.27 1.47 -27.67
CA HIS A 38 12.34 0.36 -27.41
C HIS A 38 11.14 0.47 -28.35
N ALA A 39 10.57 1.67 -28.45
CA ALA A 39 9.44 1.90 -29.34
C ALA A 39 9.77 1.89 -30.85
N GLY A 40 11.05 1.97 -31.18
CA GLY A 40 11.44 1.95 -32.58
C GLY A 40 11.07 3.22 -33.35
N VAL A 41 11.03 4.36 -32.68
CA VAL A 41 10.75 5.62 -33.38
C VAL A 41 11.92 6.56 -33.28
N THR A 42 11.77 7.75 -33.82
CA THR A 42 12.76 8.83 -33.66
C THR A 42 12.50 9.65 -32.40
N LYS A 43 13.50 10.45 -32.01
CA LYS A 43 13.36 11.42 -30.92
C LYS A 43 12.32 12.47 -31.31
N GLY A 44 12.21 12.75 -32.60
CA GLY A 44 11.20 13.70 -33.08
C GLY A 44 9.74 13.20 -32.89
N ALA A 45 9.53 11.92 -33.10
CA ALA A 45 8.23 11.36 -32.92
C ALA A 45 7.85 11.50 -31.45
N LEU A 46 8.81 11.37 -30.56
CA LEU A 46 8.46 11.44 -29.17
C LEU A 46 8.15 12.88 -28.80
N TYR A 47 9.01 13.81 -29.23
CA TYR A 47 8.80 15.19 -28.93
C TYR A 47 7.53 15.72 -29.55
N PHE A 48 7.08 15.12 -30.64
CA PHE A 48 5.80 15.48 -31.21
C PHE A 48 4.67 15.36 -30.14
N HIS A 49 4.72 14.31 -29.31
CA HIS A 49 3.68 14.04 -28.25
C HIS A 49 4.01 14.46 -26.83
N PHE A 50 5.29 14.44 -26.48
CA PHE A 50 5.75 14.70 -25.12
C PHE A 50 7.05 15.56 -25.08
N ALA A 51 6.99 16.72 -24.43
CA ALA A 51 8.16 17.58 -24.32
C ALA A 51 9.22 16.97 -23.39
N ALA A 52 8.79 16.19 -22.40
CA ALA A 52 9.69 15.71 -21.35
C ALA A 52 9.22 14.44 -20.64
N LYS A 53 10.09 13.88 -19.83
CA LYS A 53 9.81 12.61 -19.19
C LYS A 53 8.52 12.70 -18.37
N GLU A 54 8.37 13.79 -17.62
CA GLU A 54 7.23 14.03 -16.76
C GLU A 54 5.89 14.00 -17.52
N ASP A 55 5.88 14.40 -18.78
CA ASP A 55 4.67 14.39 -19.60
C ASP A 55 4.19 12.98 -19.94
N LEU A 56 5.10 12.04 -20.11
CA LEU A 56 4.78 10.64 -20.29
C LEU A 56 4.22 10.12 -18.99
N ALA A 57 4.78 10.58 -17.89
CA ALA A 57 4.31 10.11 -16.58
C ALA A 57 2.90 10.60 -16.35
N HIS A 58 2.66 11.84 -16.72
CA HIS A 58 1.35 12.40 -16.55
C HIS A 58 0.36 11.73 -17.46
N ALA A 59 0.79 11.37 -18.66
CA ALA A 59 -0.09 10.76 -19.62
C ALA A 59 -0.54 9.39 -19.09
N ILE A 60 0.39 8.66 -18.47
CA ILE A 60 0.08 7.31 -17.99
C ILE A 60 -0.89 7.40 -16.80
N LEU A 61 -0.70 8.42 -15.95
CA LEU A 61 -1.55 8.65 -14.77
C LEU A 61 -2.93 9.14 -15.20
N GLU A 62 -2.97 9.89 -16.27
CA GLU A 62 -4.25 10.26 -16.82
C GLU A 62 -5.03 8.99 -17.18
N ILE A 63 -4.41 8.08 -17.86
CA ILE A 63 -5.11 6.90 -18.35
C ILE A 63 -5.60 6.02 -17.20
N GLN A 64 -4.73 5.82 -16.22
CA GLN A 64 -5.03 5.02 -15.05
C GLN A 64 -6.24 5.59 -14.32
N SER A 65 -6.35 6.92 -14.31
CA SER A 65 -7.44 7.61 -13.62
C SER A 65 -8.78 7.56 -14.36
N ARG A 66 -8.76 7.85 -15.67
CA ARG A 66 -9.90 7.66 -16.52
C ARG A 66 -10.42 6.21 -16.43
N THR A 67 -9.50 5.24 -16.53
CA THR A 67 -9.86 3.83 -16.53
C THR A 67 -10.61 3.49 -15.24
N SER A 68 -10.04 3.93 -14.12
CA SER A 68 -10.64 3.79 -12.80
C SER A 68 -12.06 4.36 -12.80
N ARG A 69 -12.18 5.59 -13.26
CA ARG A 69 -13.44 6.29 -13.19
C ARG A 69 -14.51 5.62 -14.07
N ARG A 70 -14.11 5.13 -15.22
CA ARG A 70 -15.01 4.58 -16.20
C ARG A 70 -15.53 3.26 -15.69
N LEU A 71 -14.64 2.42 -15.20
CA LEU A 71 -15.05 1.14 -14.66
C LEU A 71 -15.99 1.34 -13.45
N ALA A 72 -15.65 2.27 -12.57
CA ALA A 72 -16.50 2.54 -11.39
C ALA A 72 -17.91 3.02 -11.78
N LYS A 73 -17.99 3.88 -12.79
CA LYS A 73 -19.25 4.48 -13.21
C LYS A 73 -20.11 3.42 -13.92
N ASP A 74 -19.47 2.66 -14.79
CA ASP A 74 -20.15 1.57 -15.49
C ASP A 74 -20.70 0.51 -14.52
N LEU A 75 -19.89 0.04 -13.58
CA LEU A 75 -20.35 -0.91 -12.58
C LEU A 75 -21.39 -0.35 -11.58
N ASP A 76 -21.62 0.97 -11.57
CA ASP A 76 -22.66 1.57 -10.75
C ASP A 76 -23.97 1.77 -11.50
N GLY A 77 -23.96 1.44 -12.79
CA GLY A 77 -25.16 1.57 -13.60
C GLY A 77 -25.77 0.24 -13.99
N ARG A 78 -25.38 -0.87 -13.37
CA ARG A 78 -25.86 -2.20 -13.81
C ARG A 78 -26.84 -2.88 -12.86
N GLY A 79 -27.45 -2.11 -11.96
CA GLY A 79 -28.47 -2.60 -11.06
C GLY A 79 -27.94 -3.46 -9.92
N TYR A 80 -26.62 -3.46 -9.73
CA TYR A 80 -26.01 -4.24 -8.68
C TYR A 80 -26.22 -3.55 -7.34
N SER A 81 -26.13 -4.33 -6.26
CA SER A 81 -25.97 -3.79 -4.91
C SER A 81 -24.64 -3.01 -4.85
N SER A 82 -24.57 -2.02 -3.99
CA SER A 82 -23.35 -1.26 -3.86
C SER A 82 -22.09 -2.11 -3.51
N LEU A 83 -22.25 -3.15 -2.67
CA LEU A 83 -21.13 -4.01 -2.33
C LEU A 83 -20.70 -4.90 -3.50
N GLU A 84 -21.63 -5.32 -4.35
CA GLU A 84 -21.30 -6.12 -5.52
C GLU A 84 -20.55 -5.32 -6.56
N ALA A 85 -20.90 -4.03 -6.64
CA ALA A 85 -20.23 -3.11 -7.55
C ALA A 85 -18.79 -2.94 -7.13
N LEU A 86 -18.58 -2.69 -5.86
CA LEU A 86 -17.25 -2.48 -5.33
C LEU A 86 -16.44 -3.75 -5.57
N ARG A 88 -16.82 -6.09 -7.79
CA ARG A 88 -16.52 -6.30 -9.22
C ARG A 88 -15.49 -5.31 -9.72
N LEU A 89 -15.48 -4.11 -9.15
CA LEU A 89 -14.52 -3.09 -9.50
C LEU A 89 -13.10 -3.51 -9.14
N THR A 90 -12.90 -4.13 -7.97
CA THR A 90 -11.56 -4.59 -7.61
C THR A 90 -11.09 -5.66 -8.59
N PHE A 91 -11.97 -6.58 -8.94
CA PHE A 91 -11.60 -7.69 -9.80
C PHE A 91 -11.46 -7.22 -11.20
N GLY A 92 -12.21 -6.19 -11.53
CA GLY A 92 -12.19 -5.61 -12.86
C GLY A 92 -10.90 -4.84 -13.07
N ALA A 94 -8.03 -5.47 -11.46
CA ALA A 94 -6.96 -6.49 -11.50
C ALA A 94 -6.88 -7.15 -12.84
N ARG A 95 -8.01 -7.45 -13.45
CA ARG A 95 -8.08 -8.02 -14.79
C ARG A 95 -7.45 -7.10 -15.84
N LEU A 96 -7.70 -5.81 -15.76
CA LEU A 96 -7.09 -4.87 -16.72
C LEU A 96 -5.57 -4.70 -16.46
N CYS A 97 -5.18 -4.82 -15.20
CA CYS A 97 -3.80 -4.65 -14.81
C CYS A 97 -2.86 -5.76 -15.27
N VAL A 98 -3.31 -7.01 -15.29
CA VAL A 98 -2.45 -8.05 -15.84
C VAL A 98 -2.47 -7.99 -17.36
N GLN A 99 -3.48 -7.35 -17.94
CA GLN A 99 -3.66 -7.22 -19.38
C GLN A 99 -2.95 -6.01 -20.01
N GLY A 100 -2.44 -5.12 -19.18
CA GLY A 100 -1.71 -3.99 -19.75
C GLY A 100 -0.73 -3.34 -18.79
N PRO A 101 0.47 -3.04 -19.26
CA PRO A 101 1.45 -2.33 -18.47
C PRO A 101 1.09 -0.90 -18.08
N VAL A 102 0.15 -0.27 -18.75
CA VAL A 102 -0.09 1.14 -18.47
C VAL A 102 -0.58 1.37 -17.05
N LEU A 103 -1.37 0.47 -16.52
CA LEU A 103 -1.84 0.61 -15.14
C LEU A 103 -0.76 0.20 -14.17
N ARG A 104 0.06 -0.76 -14.58
CA ARG A 104 1.14 -1.21 -13.72
C ARG A 104 2.15 -0.08 -13.55
N ALA A 105 2.54 0.51 -14.66
CA ALA A 105 3.35 1.70 -14.66
C ALA A 105 2.68 2.79 -13.82
N GLY A 106 1.38 2.98 -13.99
CA GLY A 106 0.72 4.00 -13.19
C GLY A 106 0.88 3.75 -11.69
N LEU A 107 0.73 2.50 -11.29
CA LEU A 107 0.93 2.12 -9.90
C LEU A 107 2.38 2.30 -9.49
N ARG A 108 3.35 1.99 -10.36
CA ARG A 108 4.76 2.15 -10.02
C ARG A 108 5.13 3.61 -9.89
N LEU A 109 4.50 4.48 -10.67
CA LEU A 109 4.79 5.89 -10.57
C LEU A 109 4.29 6.42 -9.21
N ALA A 110 3.14 5.93 -8.76
CA ALA A 110 2.59 6.32 -7.47
C ALA A 110 3.45 5.87 -6.31
N THR A 111 3.93 4.63 -6.35
CA THR A 111 4.78 4.10 -5.27
C THR A 111 6.07 4.87 -5.14
N ALA A 112 6.61 5.32 -6.26
CA ALA A 112 7.87 6.05 -6.29
C ALA A 112 7.70 7.56 -6.04
N GLY A 113 6.47 8.01 -5.96
CA GLY A 113 6.22 9.40 -5.57
C GLY A 113 6.38 10.49 -6.62
N VAL A 114 6.31 10.11 -7.89
CA VAL A 114 6.30 11.08 -8.98
C VAL A 114 5.06 11.93 -8.85
N PRO A 115 5.20 13.24 -8.76
CA PRO A 115 4.03 14.10 -8.46
C PRO A 115 2.91 13.96 -9.47
N VAL A 116 1.68 14.02 -8.97
CA VAL A 116 0.51 14.03 -9.81
C VAL A 116 0.20 15.49 -10.08
N ARG A 117 -0.21 15.81 -11.30
CA ARG A 117 -0.44 17.19 -11.74
C ARG A 117 -1.79 17.75 -11.27
N PRO A 118 -1.81 18.96 -10.73
CA PRO A 118 -3.07 19.60 -10.36
C PRO A 118 -3.69 20.30 -11.57
N LEU A 120 -5.40 16.82 -11.46
CA LEU A 120 -5.59 15.35 -11.19
C LEU A 120 -5.25 14.98 -9.73
N PRO A 121 -6.16 14.29 -9.05
CA PRO A 121 -5.92 13.84 -7.68
C PRO A 121 -5.05 12.60 -7.59
N HIS A 122 -4.44 12.35 -6.44
CA HIS A 122 -3.65 11.14 -6.25
C HIS A 122 -4.55 9.92 -6.50
N PRO A 123 -4.09 8.95 -7.26
CA PRO A 123 -4.91 7.76 -7.55
C PRO A 123 -5.35 7.03 -6.29
N PHE A 124 -4.51 6.98 -5.26
CA PHE A 124 -4.84 6.27 -4.02
C PHE A 124 -5.92 6.98 -3.26
N THR A 125 -5.94 8.32 -3.32
CA THR A 125 -6.99 9.11 -2.65
C THR A 125 -8.37 8.94 -3.40
N GLU A 126 -8.31 8.96 -4.72
CA GLU A 126 -9.46 8.72 -5.60
C GLU A 126 -10.02 7.31 -5.32
N TRP A 127 -9.18 6.29 -5.23
CA TRP A 127 -9.66 4.95 -5.00
C TRP A 127 -10.27 4.84 -3.59
N ARG A 128 -9.68 5.50 -2.60
CA ARG A 128 -10.20 5.45 -1.24
C ARG A 128 -11.58 6.08 -1.18
N GLU A 129 -11.78 7.14 -1.95
CA GLU A 129 -13.07 7.85 -2.02
C GLU A 129 -14.16 6.96 -2.59
N ILE A 130 -13.81 6.27 -3.68
CA ILE A 130 -14.69 5.30 -4.35
C ILE A 130 -15.08 4.17 -3.40
N ALA A 131 -14.10 3.55 -2.77
CA ALA A 131 -14.39 2.50 -1.85
C ALA A 131 -15.24 3.03 -0.70
N THR A 132 -14.91 4.21 -0.23
CA THR A 132 -15.62 4.77 0.91
C THR A 132 -17.07 4.99 0.60
N SER A 133 -17.31 5.55 -0.58
CA SER A 133 -18.66 5.82 -1.02
C SER A 133 -19.46 4.54 -1.27
N ARG A 134 -18.85 3.49 -1.77
CA ARG A 134 -19.56 2.25 -1.98
C ARG A 134 -19.81 1.57 -0.66
N LEU A 135 -18.87 1.71 0.29
CA LEU A 135 -19.01 1.09 1.60
C LEU A 135 -20.14 1.73 2.41
N LEU A 136 -20.31 3.05 2.29
CA LEU A 136 -21.42 3.75 2.93
C LEU A 136 -22.75 3.34 2.32
N ASP A 137 -22.82 3.24 0.99
CA ASP A 137 -24.03 2.75 0.33
C ASP A 137 -24.43 1.35 0.79
N ALA A 138 -23.42 0.50 0.94
CA ALA A 138 -23.59 -0.87 1.35
C ALA A 138 -24.13 -0.96 2.77
N VAL A 139 -23.65 -0.08 3.65
CA VAL A 139 -24.16 -0.03 5.02
C VAL A 139 -25.64 0.32 5.01
N ARG A 140 -26.01 1.35 4.25
CA ARG A 140 -27.41 1.79 4.05
C ARG A 140 -28.30 0.70 3.44
N GLN A 141 -27.72 -0.17 2.62
CA GLN A 141 -28.45 -1.29 2.00
C GLN A 141 -28.45 -2.53 2.88
N SER A 142 -27.89 -2.41 4.10
CA SER A 142 -27.84 -3.48 5.09
C SER A 142 -26.92 -4.65 4.69
N ASP A 143 -26.00 -4.44 3.77
CA ASP A 143 -25.03 -5.46 3.42
C ASP A 143 -23.75 -5.43 4.27
N VAL A 144 -23.49 -4.33 4.97
CA VAL A 144 -22.34 -4.15 5.87
C VAL A 144 -22.84 -3.57 7.23
N HIS A 145 -22.34 -4.09 8.37
CA HIS A 145 -22.87 -3.72 9.67
C HIS A 145 -22.81 -2.22 9.88
N GLN A 146 -23.84 -1.69 10.51
CA GLN A 146 -23.94 -0.28 10.81
C GLN A 146 -22.78 0.31 11.60
N ASP A 147 -22.15 -0.49 12.47
CA ASP A 147 -21.11 0.03 13.37
C ASP A 147 -19.69 -0.06 12.77
N ILE A 148 -19.60 -0.52 11.53
CA ILE A 148 -18.35 -0.61 10.84
C ILE A 148 -17.86 0.78 10.45
N ASP A 149 -16.62 1.05 10.82
CA ASP A 149 -15.91 2.24 10.39
C ASP A 149 -15.51 2.07 8.91
N VAL A 150 -16.32 2.57 8.00
CA VAL A 150 -16.05 2.38 6.58
C VAL A 150 -14.74 3.04 6.13
N ASP A 151 -14.48 4.25 6.60
CA ASP A 151 -13.25 4.93 6.28
C ASP A 151 -11.99 4.06 6.50
N SER A 152 -11.93 3.37 7.64
CA SER A 152 -10.79 2.53 7.93
C SER A 152 -10.69 1.32 6.99
N VAL A 153 -11.84 0.74 6.65
CA VAL A 153 -11.87 -0.37 5.70
C VAL A 153 -11.42 0.09 4.30
N ALA A 154 -11.88 1.25 3.84
CA ALA A 154 -11.52 1.79 2.54
C ALA A 154 -10.03 1.94 2.44
N HIS A 155 -9.38 2.48 3.48
CA HIS A 155 -7.92 2.56 3.49
C HIS A 155 -7.24 1.20 3.36
N THR A 156 -7.78 0.21 4.04
CA THR A 156 -7.16 -1.12 4.09
C THR A 156 -7.33 -1.81 2.76
N LEU A 157 -8.52 -1.67 2.20
CA LEU A 157 -8.89 -2.21 0.88
C LEU A 157 -8.04 -1.66 -0.21
N VAL A 158 -7.79 -0.36 -0.15
CA VAL A 158 -7.04 0.29 -1.21
C VAL A 158 -5.61 -0.21 -1.12
N CYS A 159 -5.04 -0.25 0.08
CA CYS A 159 -3.68 -0.76 0.26
C CYS A 159 -3.59 -2.25 -0.08
N SER A 160 -4.63 -3.01 0.27
CA SER A 160 -4.65 -4.46 0.02
C SER A 160 -4.74 -4.79 -1.50
N VAL A 161 -5.81 -4.34 -2.13
CA VAL A 161 -6.06 -4.56 -3.55
C VAL A 161 -4.86 -4.22 -4.40
N VAL A 162 -4.18 -3.15 -4.04
CA VAL A 162 -3.08 -2.64 -4.85
C VAL A 162 -1.89 -3.63 -4.93
N GLY A 163 -1.74 -4.52 -3.95
CA GLY A 163 -0.82 -5.65 -4.07
C GLY A 163 0.43 -5.53 -3.23
N THR A 164 1.14 -6.64 -3.03
CA THR A 164 2.31 -6.65 -2.18
C THR A 164 3.55 -5.99 -2.83
N ARG A 165 3.52 -5.73 -4.13
CA ARG A 165 4.65 -5.00 -4.73
C ARG A 165 4.78 -3.59 -4.11
N VAL A 166 3.62 -2.99 -3.79
CA VAL A 166 3.56 -1.65 -3.22
C VAL A 166 4.05 -1.62 -1.74
N VAL A 167 3.91 -2.74 -1.05
CA VAL A 167 4.50 -2.90 0.26
C VAL A 167 5.79 -3.70 0.04
N ARG A 176 -2.42 -15.37 -10.40
CA ARG A 176 -2.48 -15.39 -8.91
C ARG A 176 -3.44 -14.34 -8.36
N GLU A 177 -3.45 -13.16 -8.96
CA GLU A 177 -4.28 -12.04 -8.46
C GLU A 177 -5.76 -12.34 -8.08
N PRO A 178 -6.54 -12.95 -8.97
CA PRO A 178 -7.93 -13.31 -8.63
C PRO A 178 -8.07 -14.14 -7.34
N ARG A 179 -7.18 -15.10 -7.12
CA ARG A 179 -7.19 -15.93 -5.91
C ARG A 179 -6.92 -15.09 -4.65
N ARG A 180 -5.84 -14.30 -4.70
CA ARG A 180 -5.45 -13.39 -3.63
C ARG A 180 -6.58 -12.39 -3.28
N LEU A 181 -7.17 -11.81 -4.30
CA LEU A 181 -8.21 -10.83 -4.10
C LEU A 181 -9.43 -11.50 -3.50
N ALA A 182 -9.68 -12.74 -3.87
CA ALA A 182 -10.83 -13.44 -3.33
C ALA A 182 -10.64 -13.75 -1.85
N GLU A 183 -9.40 -14.02 -1.43
CA GLU A 183 -9.10 -14.31 -0.01
C GLU A 183 -9.26 -13.06 0.85
N TRP A 185 -11.34 -10.64 0.09
CA TRP A 185 -12.77 -10.40 0.23
C TRP A 185 -13.42 -11.39 1.22
N TYR A 186 -13.07 -12.66 1.14
CA TYR A 186 -13.55 -13.65 2.12
C TYR A 186 -13.42 -13.14 3.58
N ILE A 187 -12.29 -12.54 3.90
CA ILE A 187 -12.03 -12.03 5.23
C ILE A 187 -12.97 -10.88 5.52
N LEU A 188 -13.01 -9.91 4.61
CA LEU A 188 -13.90 -8.77 4.79
C LEU A 188 -15.37 -9.17 4.92
N ILE A 189 -15.81 -10.08 4.06
CA ILE A 189 -17.21 -10.53 4.07
C ILE A 189 -17.59 -11.19 5.41
N ARG A 190 -16.74 -12.09 5.89
CA ARG A 190 -17.02 -12.79 7.14
C ARG A 190 -17.12 -11.85 8.32
N GLY A 191 -16.33 -10.78 8.26
CA GLY A 191 -16.21 -9.84 9.34
C GLY A 191 -17.09 -8.64 9.25
N VAL A 193 -20.15 -8.35 7.05
CA VAL A 193 -21.42 -8.57 6.30
C VAL A 193 -22.30 -9.37 7.20
N PRO A 194 -23.54 -8.94 7.43
CA PRO A 194 -24.45 -9.72 8.30
C PRO A 194 -24.55 -11.18 7.79
N VAL A 195 -24.65 -12.10 8.76
CA VAL A 195 -24.58 -13.51 8.53
C VAL A 195 -25.54 -13.98 7.48
N THR A 196 -26.73 -13.38 7.37
CA THR A 196 -27.73 -13.81 6.38
C THR A 196 -27.46 -13.28 4.98
N ARG A 197 -26.76 -12.17 4.88
CA ARG A 197 -26.35 -11.65 3.57
C ARG A 197 -25.05 -12.31 3.09
N ARG A 198 -24.41 -13.12 3.94
CA ARG A 198 -23.04 -13.60 3.74
C ARG A 198 -22.72 -14.54 2.56
N ALA A 199 -23.47 -15.63 2.45
CA ALA A 199 -23.23 -16.62 1.41
C ALA A 199 -23.26 -16.02 0.01
N ARG A 200 -24.18 -15.12 -0.26
CA ARG A 200 -24.27 -14.51 -1.59
C ARG A 200 -22.95 -13.82 -2.02
N TYR A 201 -22.31 -13.09 -1.12
CA TYR A 201 -21.07 -12.41 -1.44
C TYR A 201 -19.82 -13.35 -1.42
N VAL A 202 -19.82 -14.40 -0.61
CA VAL A 202 -18.75 -15.37 -0.68
C VAL A 202 -18.84 -16.01 -2.07
N THR A 203 -20.05 -16.44 -2.43
CA THR A 203 -20.32 -16.99 -3.76
C THR A 203 -19.89 -16.03 -4.87
N LEU A 204 -20.19 -14.74 -4.73
CA LEU A 204 -19.78 -13.78 -5.76
C LEU A 204 -18.25 -13.69 -5.90
N ALA A 205 -17.55 -13.63 -4.77
CA ALA A 205 -16.09 -13.54 -4.74
C ALA A 205 -15.44 -14.73 -5.43
N ALA A 206 -15.93 -15.92 -5.09
CA ALA A 206 -15.46 -17.16 -5.71
C ALA A 206 -15.78 -17.16 -7.19
N ARG A 207 -16.94 -16.60 -7.54
CA ARG A 207 -17.35 -16.52 -8.93
C ARG A 207 -16.44 -15.58 -9.72
N LEU A 208 -16.06 -14.45 -9.13
CA LEU A 208 -15.22 -13.49 -9.84
C LEU A 208 -13.80 -14.02 -10.02
N GLU A 209 -13.32 -14.76 -9.03
CA GLU A 209 -12.01 -15.39 -9.12
C GLU A 209 -12.00 -16.39 -10.27
N GLN A 210 -13.02 -17.24 -10.31
CA GLN A 210 -13.19 -18.23 -11.38
C GLN A 210 -13.32 -17.58 -12.75
N GLU A 211 -14.06 -16.47 -12.84
CA GLU A 211 -14.25 -15.77 -14.10
C GLU A 211 -13.01 -15.00 -14.60
N THR A 212 -12.03 -14.72 -13.74
CA THR A 212 -10.91 -13.89 -14.18
C THR A 212 -9.53 -14.53 -14.11
N LEU B 5 29.77 13.76 21.66
CA LEU B 5 28.74 12.96 20.91
C LEU B 5 27.90 13.81 19.94
N ARG B 6 28.35 15.02 19.63
CA ARG B 6 27.63 15.81 18.66
C ARG B 6 27.71 15.31 17.18
N ALA B 7 28.75 14.56 16.82
CA ALA B 7 28.85 14.01 15.46
C ALA B 7 27.79 12.93 15.22
N GLU B 8 27.54 12.13 16.26
CA GLU B 8 26.55 11.08 16.29
C GLU B 8 25.08 11.60 16.30
N GLN B 9 24.86 12.78 16.93
CA GLN B 9 23.57 13.44 16.88
C GLN B 9 23.32 13.96 15.48
N THR B 10 24.37 14.42 14.83
CA THR B 10 24.31 14.91 13.45
C THR B 10 23.90 13.76 12.52
N ARG B 11 24.52 12.60 12.71
CA ARG B 11 24.15 11.42 11.91
C ARG B 11 22.66 11.07 12.06
N ALA B 12 22.20 11.01 13.32
CA ALA B 12 20.83 10.71 13.66
C ALA B 12 19.91 11.76 13.07
N THR B 13 20.32 13.02 13.07
CA THR B 13 19.47 14.06 12.51
C THR B 13 19.36 13.97 10.98
N ILE B 14 20.45 13.58 10.33
CA ILE B 14 20.45 13.40 8.89
C ILE B 14 19.53 12.21 8.55
N ILE B 15 19.69 11.13 9.32
CA ILE B 15 18.89 9.94 9.12
C ILE B 15 17.42 10.29 9.24
N GLY B 16 17.04 10.99 10.33
CA GLY B 16 15.65 11.41 10.54
C GLY B 16 15.11 12.28 9.43
N ALA B 17 15.90 13.20 8.88
CA ALA B 17 15.42 14.06 7.82
C ALA B 17 15.21 13.30 6.51
N ALA B 18 16.06 12.31 6.27
CA ALA B 18 15.98 11.53 5.06
C ALA B 18 14.73 10.68 5.13
N ALA B 19 14.48 10.09 6.30
CA ALA B 19 13.32 9.24 6.49
C ALA B 19 12.04 10.01 6.34
N ASP B 20 12.02 11.22 6.88
CA ASP B 20 10.85 12.09 6.77
C ASP B 20 10.52 12.40 5.30
N LEU B 21 11.55 12.79 4.57
CA LEU B 21 11.44 13.10 3.14
C LEU B 21 11.08 11.89 2.29
N PHE B 22 11.73 10.76 2.54
CA PHE B 22 11.39 9.57 1.82
C PHE B 22 9.91 9.27 2.05
N ASP B 23 9.49 9.33 3.29
CA ASP B 23 8.09 9.04 3.64
C ASP B 23 7.14 9.96 2.92
N ARG B 24 7.48 11.24 2.88
CA ARG B 24 6.61 12.27 2.28
C ARG B 24 6.66 12.41 0.72
N ARG B 25 7.81 12.12 0.13
CA ARG B 25 8.06 12.41 -1.26
C ARG B 25 8.59 11.21 -2.06
N GLY B 26 8.96 10.12 -1.39
CA GLY B 26 9.53 8.96 -2.05
C GLY B 26 11.05 9.00 -2.03
N TYR B 27 11.68 7.86 -2.27
CA TYR B 27 13.12 7.73 -2.31
C TYR B 27 13.72 8.35 -3.55
N GLU B 28 13.15 8.08 -4.71
CA GLU B 28 13.77 8.42 -5.99
C GLU B 28 13.87 9.91 -6.27
N SER B 29 12.81 10.64 -6.04
CA SER B 29 12.83 12.08 -6.34
C SER B 29 13.41 12.94 -5.19
N THR B 30 13.78 12.31 -4.07
CA THR B 30 14.39 13.03 -2.97
C THR B 30 15.92 13.11 -3.17
N THR B 31 16.46 14.33 -3.19
CA THR B 31 17.89 14.50 -3.41
C THR B 31 18.64 14.63 -2.12
N LEU B 32 19.94 14.52 -2.23
CA LEU B 32 20.81 14.70 -1.08
C LEU B 32 20.78 16.15 -0.64
N SER B 33 20.65 17.08 -1.58
CA SER B 33 20.62 18.50 -1.23
C SER B 33 19.35 18.89 -0.45
N GLU B 34 18.23 18.20 -0.72
CA GLU B 34 17.00 18.47 0.01
C GLU B 34 17.13 17.99 1.43
N ILE B 35 17.84 16.87 1.59
CA ILE B 35 18.04 16.24 2.88
C ILE B 35 19.04 17.06 3.76
N VAL B 36 20.08 17.57 3.14
CA VAL B 36 21.06 18.43 3.81
C VAL B 36 20.36 19.68 4.39
N ALA B 37 19.52 20.32 3.60
CA ALA B 37 18.79 21.50 3.99
C ALA B 37 17.74 21.18 5.08
N HIS B 38 17.05 20.05 4.95
CA HIS B 38 16.01 19.62 5.88
C HIS B 38 16.65 19.17 7.21
N ALA B 39 17.90 18.72 7.16
CA ALA B 39 18.65 18.30 8.36
C ALA B 39 19.40 19.45 9.05
N GLY B 40 19.51 20.58 8.35
CA GLY B 40 20.23 21.72 8.88
C GLY B 40 21.75 21.59 8.82
N VAL B 41 22.27 20.71 7.99
CA VAL B 41 23.71 20.45 8.00
C VAL B 41 24.37 20.91 6.71
N THR B 42 25.70 20.90 6.68
CA THR B 42 26.44 21.20 5.45
C THR B 42 26.52 19.96 4.56
N LYS B 43 26.76 20.20 3.29
CA LYS B 43 26.91 19.11 2.35
C LYS B 43 28.10 18.25 2.82
N GLY B 44 29.16 18.90 3.30
CA GLY B 44 30.33 18.20 3.78
C GLY B 44 30.06 17.35 4.99
N ALA B 45 29.09 17.75 5.79
CA ALA B 45 28.71 17.00 6.96
C ALA B 45 27.99 15.74 6.58
N LEU B 46 27.09 15.84 5.63
CA LEU B 46 26.38 14.67 5.12
C LEU B 46 27.34 13.66 4.52
N TYR B 47 28.26 14.10 3.68
CA TYR B 47 29.20 13.16 3.04
C TYR B 47 30.19 12.57 4.03
N PHE B 48 30.43 13.25 5.14
CA PHE B 48 31.26 12.71 6.25
C PHE B 48 30.68 11.39 6.79
N HIS B 49 29.36 11.33 6.93
CA HIS B 49 28.66 10.15 7.48
C HIS B 49 28.09 9.16 6.42
N PHE B 50 27.76 9.65 5.21
CA PHE B 50 27.17 8.83 4.15
C PHE B 50 27.74 9.11 2.74
N ALA B 51 28.21 8.10 2.05
CA ALA B 51 28.76 8.28 0.71
C ALA B 51 27.68 8.54 -0.34
N ALA B 52 26.48 8.01 -0.08
CA ALA B 52 25.41 7.99 -1.08
C ALA B 52 24.02 7.84 -0.47
N LYS B 53 23.00 8.02 -1.30
CA LYS B 53 21.62 7.85 -0.90
C LYS B 53 21.39 6.46 -0.32
N GLU B 54 21.95 5.47 -0.99
CA GLU B 54 21.79 4.08 -0.62
C GLU B 54 22.29 3.76 0.81
N ASP B 55 23.25 4.54 1.31
CA ASP B 55 23.75 4.32 2.68
C ASP B 55 22.80 4.88 3.70
N LEU B 56 22.12 5.95 3.33
CA LEU B 56 21.04 6.50 4.15
C LEU B 56 19.89 5.51 4.19
N ALA B 57 19.67 4.84 3.08
CA ALA B 57 18.57 3.88 3.01
C ALA B 57 18.91 2.68 3.85
N HIS B 58 20.12 2.18 3.72
CA HIS B 58 20.54 1.06 4.56
C HIS B 58 20.43 1.39 6.03
N ALA B 59 20.76 2.62 6.40
CA ALA B 59 20.72 2.98 7.83
C ALA B 59 19.27 2.96 8.34
N ILE B 60 18.35 3.42 7.49
CA ILE B 60 16.95 3.44 7.83
C ILE B 60 16.45 2.03 7.99
N LEU B 61 16.71 1.16 7.02
CA LEU B 61 16.27 -0.24 7.09
C LEU B 61 16.81 -0.97 8.31
N GLU B 62 18.08 -0.72 8.63
CA GLU B 62 18.70 -1.24 9.85
C GLU B 62 17.94 -0.72 11.10
N ILE B 63 17.58 0.56 11.15
CA ILE B 63 16.86 1.06 12.33
C ILE B 63 15.44 0.43 12.46
N GLN B 64 14.67 0.44 11.38
CA GLN B 64 13.30 -0.09 11.43
C GLN B 64 13.30 -1.58 11.79
N SER B 65 14.31 -2.31 11.35
CA SER B 65 14.37 -3.71 11.66
C SER B 65 14.70 -3.96 13.11
N ARG B 66 15.60 -3.17 13.66
CA ARG B 66 15.95 -3.25 15.05
C ARG B 66 14.73 -2.95 15.96
N THR B 67 14.00 -1.90 15.60
CA THR B 67 12.85 -1.41 16.37
C THR B 67 11.73 -2.43 16.42
N SER B 68 11.35 -2.90 15.25
CA SER B 68 10.40 -4.00 15.16
C SER B 68 10.74 -5.15 16.07
N ARG B 69 11.91 -5.74 15.89
CA ARG B 69 12.32 -6.89 16.69
C ARG B 69 12.36 -6.63 18.20
N ARG B 70 12.64 -5.39 18.60
CA ARG B 70 12.65 -5.04 20.02
C ARG B 70 11.25 -5.22 20.60
N LEU B 71 10.21 -4.74 19.91
CA LEU B 71 8.82 -4.90 20.34
C LEU B 71 8.46 -6.35 20.48
N ALA B 72 8.83 -7.15 19.49
CA ALA B 72 8.48 -8.56 19.45
C ALA B 72 9.06 -9.31 20.62
N LYS B 73 10.31 -8.96 20.94
CA LYS B 73 11.07 -9.61 22.02
C LYS B 73 10.44 -9.33 23.40
N ASP B 74 9.87 -8.14 23.58
CA ASP B 74 9.29 -7.74 24.87
C ASP B 74 7.96 -8.44 25.26
N LEU B 75 7.53 -9.45 24.52
CA LEU B 75 6.29 -10.15 24.87
C LEU B 75 6.58 -11.55 25.44
N TYR B 80 0.95 -14.53 27.46
CA TYR B 80 -0.05 -14.09 26.44
C TYR B 80 -0.33 -15.22 25.47
N SER B 81 -1.60 -15.48 25.19
CA SER B 81 -1.91 -16.33 24.05
C SER B 81 -1.16 -15.77 22.83
N SER B 82 -0.87 -16.64 21.86
CA SER B 82 -0.27 -16.18 20.61
C SER B 82 -1.09 -15.10 19.89
N LEU B 83 -2.42 -15.21 19.91
CA LEU B 83 -3.24 -14.21 19.24
C LEU B 83 -3.11 -12.86 19.94
N GLU B 84 -3.14 -12.86 21.26
CA GLU B 84 -3.03 -11.61 22.04
C GLU B 84 -1.65 -10.96 21.83
N ALA B 85 -0.62 -11.81 21.82
CA ALA B 85 0.73 -11.32 21.55
C ALA B 85 0.77 -10.64 20.18
N LEU B 86 0.28 -11.32 19.15
CA LEU B 86 0.26 -10.74 17.83
C LEU B 86 -0.50 -9.41 17.81
N ARG B 88 -1.05 -7.39 20.44
CA ARG B 88 -0.24 -6.35 21.12
C ARG B 88 0.89 -5.79 20.27
N LEU B 89 1.53 -6.66 19.52
CA LEU B 89 2.61 -6.26 18.63
C LEU B 89 2.16 -5.32 17.54
N THR B 90 1.00 -5.56 16.94
CA THR B 90 0.56 -4.72 15.83
C THR B 90 0.33 -3.36 16.36
N PHE B 91 -0.29 -3.27 17.52
CA PHE B 91 -0.58 -1.98 18.16
C PHE B 91 0.69 -1.26 18.51
N GLY B 92 1.72 -2.01 18.91
CA GLY B 92 3.03 -1.45 19.19
C GLY B 92 3.63 -0.89 17.91
N ALA B 94 1.83 0.13 15.20
CA ALA B 94 1.03 1.27 14.80
C ALA B 94 1.53 2.52 15.53
N ARG B 95 1.82 2.34 16.82
CA ARG B 95 2.38 3.41 17.66
C ARG B 95 3.68 4.01 17.11
N LEU B 96 4.54 3.18 16.56
CA LEU B 96 5.75 3.68 15.91
C LEU B 96 5.43 4.49 14.65
N CYS B 97 4.44 4.03 13.89
CA CYS B 97 4.01 4.68 12.68
C CYS B 97 3.36 6.02 12.97
N VAL B 98 2.74 6.16 14.13
CA VAL B 98 2.21 7.43 14.58
C VAL B 98 3.33 8.41 14.90
N GLN B 99 4.36 7.98 15.59
CA GLN B 99 5.39 8.92 16.08
C GLN B 99 6.59 9.23 15.15
N GLY B 100 6.68 8.57 14.00
CA GLY B 100 7.82 8.76 13.14
C GLY B 100 7.75 8.11 11.79
N PRO B 101 8.60 8.56 10.89
CA PRO B 101 8.54 8.11 9.51
C PRO B 101 9.40 6.89 9.22
N VAL B 102 10.10 6.35 10.20
CA VAL B 102 11.10 5.35 9.90
C VAL B 102 10.51 4.07 9.27
N LEU B 103 9.48 3.52 9.89
CA LEU B 103 8.87 2.30 9.40
C LEU B 103 8.25 2.48 7.99
N ARG B 104 7.54 3.58 7.79
CA ARG B 104 6.98 3.83 6.47
C ARG B 104 8.10 4.02 5.47
N ALA B 105 9.13 4.79 5.86
CA ALA B 105 10.25 5.04 4.95
C ALA B 105 10.88 3.73 4.56
N GLY B 106 10.90 2.78 5.51
CA GLY B 106 11.40 1.44 5.24
C GLY B 106 10.66 0.76 4.10
N LEU B 107 9.35 0.94 4.02
CA LEU B 107 8.55 0.38 2.92
C LEU B 107 8.86 1.05 1.60
N ARG B 108 8.93 2.38 1.62
CA ARG B 108 9.30 3.14 0.43
C ARG B 108 10.62 2.63 -0.14
N LEU B 109 11.55 2.25 0.74
CA LEU B 109 12.88 1.83 0.32
C LEU B 109 12.86 0.45 -0.32
N ALA B 110 12.03 -0.43 0.23
CA ALA B 110 11.90 -1.80 -0.25
C ALA B 110 11.20 -1.83 -1.61
N THR B 111 10.16 -1.03 -1.73
CA THR B 111 9.45 -0.87 -2.99
C THR B 111 10.34 -0.29 -4.09
N ALA B 112 11.36 0.48 -3.72
CA ALA B 112 12.24 1.11 -4.71
C ALA B 112 13.38 0.18 -5.17
N GLY B 113 13.49 -0.99 -4.56
CA GLY B 113 14.50 -1.95 -4.96
C GLY B 113 15.89 -1.64 -4.43
N VAL B 114 15.94 -0.97 -3.29
CA VAL B 114 17.20 -0.82 -2.62
C VAL B 114 17.60 -2.25 -2.23
N PRO B 115 18.83 -2.65 -2.48
CA PRO B 115 19.29 -3.97 -2.04
C PRO B 115 19.50 -3.97 -0.53
N VAL B 116 19.07 -5.05 0.12
CA VAL B 116 19.23 -5.25 1.56
C VAL B 116 20.28 -6.36 1.81
N ARG B 117 20.80 -6.47 3.03
CA ARG B 117 21.62 -7.64 3.47
C ARG B 117 22.52 -7.31 4.63
N LEU B 120 20.11 -9.78 6.39
CA LEU B 120 18.97 -8.89 6.62
C LEU B 120 17.84 -9.10 5.59
N PRO B 121 16.58 -9.15 6.04
CA PRO B 121 15.41 -9.26 5.16
C PRO B 121 14.63 -7.95 4.93
N HIS B 122 13.83 -7.89 3.88
CA HIS B 122 13.01 -6.69 3.61
C HIS B 122 11.87 -6.61 4.63
N PRO B 123 11.39 -5.42 4.94
CA PRO B 123 10.41 -5.24 6.03
C PRO B 123 9.15 -6.10 5.90
N PHE B 124 8.44 -6.02 4.78
CA PHE B 124 7.23 -6.83 4.59
C PHE B 124 7.48 -8.32 4.68
N THR B 125 8.64 -8.80 4.19
CA THR B 125 8.99 -10.23 4.32
C THR B 125 9.07 -10.66 5.80
N GLU B 126 9.74 -9.86 6.61
CA GLU B 126 9.87 -10.15 8.03
C GLU B 126 8.50 -10.05 8.74
N TRP B 127 7.76 -9.01 8.44
CA TRP B 127 6.46 -8.79 9.05
C TRP B 127 5.48 -9.91 8.77
N ARG B 128 5.51 -10.45 7.56
CA ARG B 128 4.63 -11.56 7.16
C ARG B 128 5.05 -12.84 7.88
N GLU B 129 6.35 -13.07 8.03
CA GLU B 129 6.87 -14.21 8.79
C GLU B 129 6.41 -14.20 10.25
N ILE B 130 6.63 -13.07 10.92
CA ILE B 130 6.32 -12.96 12.34
C ILE B 130 4.79 -13.19 12.50
N ALA B 131 4.03 -12.53 11.63
CA ALA B 131 2.58 -12.61 11.73
C ALA B 131 2.03 -13.99 11.40
N THR B 132 2.53 -14.59 10.32
CA THR B 132 2.04 -15.88 9.92
C THR B 132 2.41 -16.89 11.00
N SER B 133 3.63 -16.79 11.51
CA SER B 133 4.06 -17.66 12.57
C SER B 133 3.20 -17.54 13.85
N ARG B 134 2.81 -16.31 14.23
CA ARG B 134 1.97 -16.12 15.40
C ARG B 134 0.53 -16.58 15.10
N LEU B 135 0.09 -16.42 13.86
CA LEU B 135 -1.26 -16.84 13.51
C LEU B 135 -1.38 -18.33 13.50
N LEU B 136 -0.34 -19.02 13.04
CA LEU B 136 -0.35 -20.47 12.97
C LEU B 136 -0.31 -21.09 14.39
N ASP B 137 0.37 -20.42 15.31
CA ASP B 137 0.37 -20.85 16.68
C ASP B 137 -1.02 -20.58 17.31
N ALA B 138 -1.66 -19.52 16.88
CA ALA B 138 -3.01 -19.21 17.36
C ALA B 138 -3.98 -20.31 16.91
N VAL B 139 -3.71 -20.87 15.74
CA VAL B 139 -4.50 -21.93 15.17
C VAL B 139 -4.42 -23.22 15.99
N ARG B 140 -3.21 -23.62 16.38
CA ARG B 140 -3.08 -24.82 17.16
C ARG B 140 -3.58 -24.60 18.59
N GLN B 141 -3.69 -23.34 18.99
CA GLN B 141 -4.22 -23.00 20.32
C GLN B 141 -5.74 -22.88 20.27
N SER B 142 -6.31 -23.05 19.09
CA SER B 142 -7.76 -22.97 18.88
C SER B 142 -8.39 -21.56 19.03
N ASP B 143 -7.57 -20.52 19.03
CA ASP B 143 -8.07 -19.16 18.97
C ASP B 143 -8.45 -18.69 17.55
N VAL B 144 -7.97 -19.40 16.54
CA VAL B 144 -8.22 -19.11 15.14
C VAL B 144 -8.64 -20.40 14.36
N HIS B 145 -9.60 -20.28 13.46
CA HIS B 145 -10.00 -21.42 12.63
C HIS B 145 -8.82 -21.87 11.76
N GLN B 146 -8.73 -23.15 11.49
CA GLN B 146 -7.61 -23.63 10.67
C GLN B 146 -7.69 -23.20 9.20
N ASP B 147 -8.88 -22.93 8.70
CA ASP B 147 -9.09 -22.64 7.28
C ASP B 147 -8.69 -21.22 6.87
N ILE B 148 -8.07 -20.44 7.76
CA ILE B 148 -7.65 -19.10 7.38
C ILE B 148 -6.48 -19.10 6.42
N ASP B 149 -6.46 -18.13 5.51
CA ASP B 149 -5.32 -17.85 4.67
C ASP B 149 -4.47 -16.82 5.41
N VAL B 150 -3.41 -17.28 6.04
CA VAL B 150 -2.55 -16.47 6.89
C VAL B 150 -1.88 -15.34 6.14
N ASP B 151 -1.48 -15.57 4.90
CA ASP B 151 -0.85 -14.54 4.09
C ASP B 151 -1.78 -13.35 3.96
N SER B 152 -3.01 -13.61 3.55
CA SER B 152 -4.01 -12.55 3.41
C SER B 152 -4.25 -11.86 4.74
N VAL B 153 -4.28 -12.62 5.83
CA VAL B 153 -4.48 -12.00 7.16
C VAL B 153 -3.31 -11.06 7.45
N ALA B 154 -2.10 -11.54 7.24
CA ALA B 154 -0.91 -10.70 7.49
C ALA B 154 -0.93 -9.42 6.67
N HIS B 155 -1.33 -9.52 5.40
CA HIS B 155 -1.34 -8.39 4.49
C HIS B 155 -2.34 -7.35 4.97
N THR B 156 -3.54 -7.86 5.24
CA THR B 156 -4.65 -7.08 5.85
C THR B 156 -4.22 -6.24 7.05
N LEU B 157 -3.46 -6.84 7.95
CA LEU B 157 -3.03 -6.15 9.17
C LEU B 157 -2.05 -5.02 8.84
N VAL B 158 -1.06 -5.30 8.00
CA VAL B 158 -0.09 -4.32 7.57
C VAL B 158 -0.82 -3.12 6.89
N CYS B 159 -1.79 -3.44 6.05
CA CYS B 159 -2.47 -2.44 5.24
C CYS B 159 -3.45 -1.60 6.05
N SER B 160 -3.89 -2.12 7.18
CA SER B 160 -4.71 -1.32 8.05
C SER B 160 -3.83 -0.26 8.71
N VAL B 161 -2.61 -0.60 9.07
CA VAL B 161 -1.71 0.35 9.70
C VAL B 161 -1.29 1.50 8.76
N VAL B 162 -0.84 1.21 7.52
CA VAL B 162 -0.33 2.27 6.64
C VAL B 162 -1.42 2.99 5.83
N GLY B 163 -2.41 2.23 5.35
CA GLY B 163 -3.48 2.77 4.55
C GLY B 163 -2.92 3.35 3.24
N THR B 164 -3.45 4.49 2.81
CA THR B 164 -2.94 5.13 1.62
C THR B 164 -1.56 5.76 1.89
N ARG B 165 -1.15 5.87 3.16
CA ARG B 165 0.16 6.47 3.47
C ARG B 165 1.31 5.56 3.04
N VAL B 166 0.96 4.39 2.53
CA VAL B 166 1.92 3.44 2.05
C VAL B 166 2.71 4.01 0.88
N VAL B 167 2.18 5.00 0.16
CA VAL B 167 2.91 5.65 -0.92
C VAL B 167 2.96 7.19 -0.77
N GLY B 168 2.96 7.65 0.47
CA GLY B 168 3.01 9.09 0.75
C GLY B 168 2.45 9.43 2.14
N GLY B 169 3.33 9.87 3.03
CA GLY B 169 2.96 10.27 4.37
C GLY B 169 1.97 11.42 4.45
N THR B 170 1.87 12.25 3.42
CA THR B 170 0.88 13.35 3.39
C THR B 170 -0.52 12.93 2.90
N LEU B 171 -0.62 11.77 2.28
CA LEU B 171 -1.89 11.29 1.77
C LEU B 171 -2.93 11.11 2.87
N GLU B 172 -2.47 10.97 4.11
CA GLU B 172 -3.36 10.90 5.25
C GLU B 172 -2.76 11.57 6.46
N PRO B 173 -3.58 12.21 7.28
CA PRO B 173 -3.10 12.79 8.55
C PRO B 173 -2.65 11.66 9.47
N ALA B 174 -1.51 11.86 10.11
CA ALA B 174 -0.96 10.94 11.10
C ALA B 174 -1.92 10.72 12.26
N GLY B 175 -1.75 9.61 12.97
CA GLY B 175 -2.49 9.37 14.18
C GLY B 175 -3.72 8.50 14.08
N ARG B 176 -4.15 8.16 12.87
CA ARG B 176 -5.30 7.30 12.68
C ARG B 176 -4.92 5.84 12.51
N GLU B 177 -3.64 5.53 12.64
CA GLU B 177 -3.19 4.15 12.55
C GLU B 177 -3.90 3.24 13.55
N PRO B 178 -4.04 3.68 14.81
CA PRO B 178 -4.65 2.84 15.84
C PRO B 178 -6.10 2.52 15.58
N ARG B 179 -6.80 3.46 14.99
CA ARG B 179 -8.21 3.33 14.68
C ARG B 179 -8.39 2.29 13.58
N ARG B 180 -7.65 2.43 12.49
CA ARG B 180 -7.77 1.56 11.35
C ARG B 180 -7.44 0.14 11.74
N LEU B 181 -6.36 -0.02 12.50
CA LEU B 181 -5.88 -1.34 12.93
C LEU B 181 -6.92 -2.01 13.85
N ALA B 182 -7.52 -1.25 14.75
CA ALA B 182 -8.50 -1.82 15.63
C ALA B 182 -9.71 -2.28 14.87
N GLU B 183 -10.12 -1.52 13.87
CA GLU B 183 -11.27 -1.86 13.06
C GLU B 183 -11.08 -3.21 12.32
N TRP B 185 -8.86 -5.54 13.24
CA TRP B 185 -8.95 -6.65 14.22
C TRP B 185 -10.35 -7.10 14.53
N TYR B 186 -11.28 -6.16 14.72
CA TYR B 186 -12.71 -6.47 14.89
C TYR B 186 -13.23 -7.37 13.72
N ILE B 187 -12.87 -7.03 12.48
CA ILE B 187 -13.34 -7.72 11.31
C ILE B 187 -12.74 -9.09 11.28
N LEU B 188 -11.46 -9.15 11.54
CA LEU B 188 -10.75 -10.44 11.53
C LEU B 188 -11.30 -11.34 12.59
N ILE B 189 -11.56 -10.79 13.79
CA ILE B 189 -12.00 -11.58 14.96
C ILE B 189 -13.37 -12.17 14.70
N ARG B 190 -14.27 -11.34 14.23
CA ARG B 190 -15.59 -11.78 13.84
C ARG B 190 -15.52 -12.96 12.83
N GLY B 191 -14.54 -12.93 11.93
CA GLY B 191 -14.48 -13.91 10.86
C GLY B 191 -13.66 -15.15 11.12
N VAL B 193 -12.22 -16.04 14.71
CA VAL B 193 -12.07 -16.54 16.08
C VAL B 193 -13.39 -17.24 16.43
N PRO B 194 -13.29 -18.43 16.99
CA PRO B 194 -14.47 -19.21 17.31
C PRO B 194 -15.41 -18.40 18.18
N VAL B 195 -16.70 -18.65 18.06
CA VAL B 195 -17.68 -17.86 18.80
C VAL B 195 -17.50 -17.89 20.34
N THR B 196 -16.98 -18.97 20.90
CA THR B 196 -16.80 -19.08 22.36
C THR B 196 -15.70 -18.17 22.94
N ARG B 197 -14.85 -17.66 22.05
CA ARG B 197 -13.69 -16.88 22.45
C ARG B 197 -13.67 -15.48 21.89
N ARG B 198 -14.63 -15.14 21.02
CA ARG B 198 -14.60 -13.81 20.38
C ARG B 198 -14.61 -12.66 21.39
N ALA B 199 -15.55 -12.72 22.29
CA ALA B 199 -15.80 -11.63 23.21
C ALA B 199 -14.53 -11.12 23.85
N ARG B 200 -13.64 -12.02 24.24
CA ARG B 200 -12.46 -11.65 24.97
C ARG B 200 -11.51 -10.88 24.04
N TYR B 201 -11.45 -11.28 22.79
CA TYR B 201 -10.57 -10.65 21.84
C TYR B 201 -11.14 -9.32 21.32
N VAL B 202 -12.45 -9.22 21.21
CA VAL B 202 -13.08 -7.96 20.80
C VAL B 202 -12.83 -6.86 21.84
N THR B 203 -13.00 -7.18 23.14
CA THR B 203 -12.73 -6.21 24.19
C THR B 203 -11.24 -5.94 24.32
N LEU B 204 -10.42 -6.93 24.03
CA LEU B 204 -8.96 -6.67 24.03
C LEU B 204 -8.55 -5.72 22.91
N ALA B 205 -9.12 -5.88 21.72
CA ALA B 205 -8.81 -4.96 20.63
C ALA B 205 -9.26 -3.50 20.97
N ALA B 206 -10.46 -3.38 21.48
CA ALA B 206 -10.95 -2.06 21.88
C ALA B 206 -10.06 -1.44 22.98
N ARG B 207 -9.57 -2.26 23.88
CA ARG B 207 -8.74 -1.80 24.97
C ARG B 207 -7.35 -1.33 24.49
N LEU B 208 -6.70 -2.14 23.64
CA LEU B 208 -5.36 -1.79 23.16
C LEU B 208 -5.39 -0.47 22.40
N GLU B 209 -6.45 -0.27 21.61
CA GLU B 209 -6.66 0.99 20.94
C GLU B 209 -6.68 2.19 21.91
N GLN B 210 -7.41 2.10 23.02
CA GLN B 210 -7.44 3.21 23.99
C GLN B 210 -6.08 3.42 24.68
N GLU B 211 -5.40 2.33 25.01
CA GLU B 211 -4.10 2.40 25.65
C GLU B 211 -3.02 2.91 24.70
N THR B 212 -3.25 2.80 23.40
CA THR B 212 -2.30 3.21 22.38
C THR B 212 -2.55 4.61 21.89
N GLY B 213 -3.72 4.80 21.26
CA GLY B 213 -4.08 6.04 20.58
C GLY B 213 -4.16 7.25 21.49
#